data_5G0H
#
_entry.id   5G0H
#
_cell.length_a   49.980
_cell.length_b   48.230
_cell.length_c   73.780
_cell.angle_alpha   90.00
_cell.angle_beta   103.22
_cell.angle_gamma   90.00
#
_symmetry.space_group_name_H-M   'P 1 21 1'
#
loop_
_entity.id
_entity.type
_entity.pdbx_description
1 polymer HDAC6
2 non-polymer 'S-Trichostatin A'
3 non-polymer 'POTASSIUM ION'
4 non-polymer 'ZINC ION'
5 non-polymer 1,2-ETHANEDIOL
6 water water
#
_entity_poly.entity_id   1
_entity_poly.type   'polypeptide(L)'
_entity_poly.pdbx_seq_one_letter_code
;GPKAEEEMSNELQNLDVQGKSKATGTGLVYVDAFTRFHCLWDASHPECPARVSTVMEMLETEGLLGRCVQVEARAVTEDE
LLLVHTKEYVELMKSTQNMTEEELKTLAEKYDSVYLHPGFFSSACLSVGSVLQLVDKVMTSQLRNGFSINRPPGHHAQAD
KMNGFCMFNNLAIAARYAQKRHRVQRVLIVDWDVHHGQGIQYIFEEDPSVLYFSVHRYEDGSFWPHLKESDSSSVGSGAG
QGYNINLPWNKVGMESGDYITAFQQLLLPVAYEFQPQLVLVAAGFDAVIGDPKGGMQVSPECFSILTHMLKGVAQGRLVL
ALEGGYNLQSTAEGVCASMRSLLGDPCPHLPSSGAPCESALKSISKTISDLYPFWKSLQTFEGGPLSEVSPLPAPVCAEV
KVSSPITGLVYDQRMMLHHNMWDSHHPELPQRISRIFSRHEELRLLSRCHRIPARLATEEELALCHSSKHISIIKSSEHM
KPRDLNRLGDEYNSIFISNESYTCALLAAGSCFNSAQAILTGQVRNAVAIVRPPGHHAEKDTACGFCFFNTAALTARYAQ
SITRESLRVLIVDWDVHHGNGTQHIFEEDDSVLYISLHRYEDGAFFPNSEDANYDKVGLGKGRGYNVNIPWNGGKMGDPE
YMAAFHHLVMPIAREFAPELVLVSAGFDAARGDPLGGFQVTPEGYAHLTHQLMSLAAGRVLIILEGGYNLTSISESMSMC
TSMLLGDSPPSLDHLTPLKTSATVSINNVLRAHAPFWSSLRVNIPESLRLSLPSPKPKGKCTPGGKGKKSPRQS
;
_entity_poly.pdbx_strand_id   A
#
# COMPACT_ATOMS: atom_id res chain seq x y z
N SER A 404 -14.65 20.37 -11.93
CA SER A 404 -15.32 19.21 -11.33
C SER A 404 -14.29 18.22 -10.76
N PRO A 405 -14.59 17.44 -9.68
CA PRO A 405 -13.58 16.49 -9.20
C PRO A 405 -13.51 15.25 -10.11
N ILE A 406 -12.30 14.96 -10.62
CA ILE A 406 -12.12 13.79 -11.48
C ILE A 406 -11.24 12.77 -10.77
N THR A 407 -11.57 11.48 -10.94
CA THR A 407 -10.80 10.35 -10.43
C THR A 407 -10.02 9.73 -11.57
N GLY A 408 -8.73 9.57 -11.37
CA GLY A 408 -7.88 8.92 -12.35
C GLY A 408 -7.80 7.42 -12.08
N LEU A 409 -7.55 6.63 -13.15
CA LEU A 409 -7.38 5.19 -13.01
C LEU A 409 -6.28 4.77 -13.98
N VAL A 410 -5.38 3.95 -13.50
CA VAL A 410 -4.29 3.41 -14.31
C VAL A 410 -4.31 1.89 -14.20
N TYR A 411 -4.22 1.24 -15.37
CA TYR A 411 -4.21 -0.21 -15.47
C TYR A 411 -3.58 -0.53 -16.81
N ASP A 412 -2.71 -1.53 -16.79
CA ASP A 412 -2.09 -1.97 -18.03
C ASP A 412 -2.00 -3.46 -17.97
N GLN A 413 -2.65 -4.15 -18.92
CA GLN A 413 -2.63 -5.61 -19.00
C GLN A 413 -1.22 -6.20 -19.11
N ARG A 414 -0.21 -5.44 -19.58
CA ARG A 414 1.16 -5.97 -19.66
C ARG A 414 1.70 -6.35 -18.28
N MET A 415 1.10 -5.78 -17.21
CA MET A 415 1.56 -6.13 -15.86
C MET A 415 1.19 -7.56 -15.49
N MET A 416 0.34 -8.22 -16.31
CA MET A 416 -0.03 -9.61 -16.12
C MET A 416 1.09 -10.57 -16.56
N LEU A 417 2.08 -10.07 -17.30
CA LEU A 417 3.13 -10.92 -17.86
C LEU A 417 4.04 -11.56 -16.78
N HIS A 418 4.22 -10.88 -15.65
CA HIS A 418 5.00 -11.38 -14.51
C HIS A 418 4.27 -12.64 -13.99
N HIS A 419 4.95 -13.80 -14.01
CA HIS A 419 4.26 -15.02 -13.60
C HIS A 419 5.22 -16.00 -12.95
N ASN A 420 4.65 -17.01 -12.31
CA ASN A 420 5.41 -18.05 -11.64
C ASN A 420 5.37 -19.27 -12.55
N MET A 421 6.50 -19.58 -13.18
CA MET A 421 6.51 -20.71 -14.10
C MET A 421 6.57 -22.08 -13.42
N TRP A 422 6.83 -22.13 -12.11
CA TRP A 422 6.91 -23.38 -11.34
C TRP A 422 5.64 -23.72 -10.57
N ASP A 423 4.76 -22.73 -10.40
CA ASP A 423 3.48 -22.96 -9.70
C ASP A 423 2.48 -22.03 -10.33
N SER A 424 1.66 -22.55 -11.25
CA SER A 424 0.66 -21.75 -11.95
C SER A 424 -0.43 -21.22 -11.00
N HIS A 425 -0.55 -21.81 -9.80
CA HIS A 425 -1.52 -21.37 -8.82
C HIS A 425 -0.89 -20.54 -7.69
N HIS A 426 0.35 -20.04 -7.87
CA HIS A 426 0.93 -19.17 -6.83
C HIS A 426 -0.08 -18.01 -6.59
N PRO A 427 -0.37 -17.66 -5.32
CA PRO A 427 -1.40 -16.63 -5.04
C PRO A 427 -1.21 -15.26 -5.66
N GLU A 428 0.03 -14.85 -5.97
CA GLU A 428 0.25 -13.52 -6.55
C GLU A 428 0.08 -13.69 -8.05
N LEU A 429 -1.19 -13.86 -8.45
CA LEU A 429 -1.62 -14.19 -9.82
C LEU A 429 -1.71 -13.01 -10.74
N PRO A 430 -1.37 -13.22 -12.04
CA PRO A 430 -1.62 -12.15 -13.04
C PRO A 430 -3.09 -11.71 -13.05
N GLN A 431 -4.00 -12.66 -12.78
CA GLN A 431 -5.45 -12.41 -12.78
C GLN A 431 -5.94 -11.49 -11.65
N ARG A 432 -5.09 -11.20 -10.63
CA ARG A 432 -5.48 -10.24 -9.58
C ARG A 432 -5.88 -8.89 -10.23
N ILE A 433 -5.04 -8.36 -11.10
CA ILE A 433 -5.30 -7.05 -11.69
C ILE A 433 -6.43 -7.09 -12.78
N SER A 434 -6.48 -8.19 -13.59
CA SER A 434 -7.51 -8.25 -14.62
C SER A 434 -8.90 -8.46 -13.99
N ARG A 435 -9.00 -9.26 -12.89
CA ARG A 435 -10.32 -9.41 -12.26
C ARG A 435 -10.75 -8.06 -11.62
N ILE A 436 -9.81 -7.34 -10.99
CA ILE A 436 -10.15 -6.04 -10.40
C ILE A 436 -10.61 -5.08 -11.51
N PHE A 437 -9.81 -5.02 -12.60
CA PHE A 437 -10.16 -4.17 -13.75
C PHE A 437 -11.55 -4.53 -14.31
N SER A 438 -11.82 -5.84 -14.54
CA SER A 438 -13.13 -6.26 -15.04
C SER A 438 -14.27 -5.87 -14.07
N ARG A 439 -14.02 -5.92 -12.75
CA ARG A 439 -15.10 -5.58 -11.81
C ARG A 439 -15.43 -4.06 -11.89
N HIS A 440 -14.40 -3.23 -12.10
CA HIS A 440 -14.58 -1.79 -12.30
C HIS A 440 -15.41 -1.57 -13.58
N GLU A 441 -15.20 -2.40 -14.62
CA GLU A 441 -16.04 -2.26 -15.84
C GLU A 441 -17.48 -2.67 -15.56
N GLU A 442 -17.70 -3.84 -14.89
CA GLU A 442 -19.02 -4.36 -14.58
C GLU A 442 -19.84 -3.38 -13.75
N LEU A 443 -19.21 -2.73 -12.77
CA LEU A 443 -19.88 -1.79 -11.88
C LEU A 443 -19.98 -0.39 -12.48
N ARG A 444 -19.48 -0.23 -13.71
CA ARG A 444 -19.51 1.04 -14.45
C ARG A 444 -18.77 2.14 -13.69
N LEU A 445 -17.65 1.78 -13.06
CA LEU A 445 -16.77 2.70 -12.34
C LEU A 445 -15.67 3.15 -13.28
N LEU A 446 -15.17 2.23 -14.12
CA LEU A 446 -14.08 2.53 -15.06
C LEU A 446 -14.47 3.70 -15.98
N SER A 447 -15.69 3.67 -16.54
CA SER A 447 -16.14 4.71 -17.48
C SER A 447 -16.24 6.07 -16.81
N ARG A 448 -16.36 6.11 -15.46
CA ARG A 448 -16.44 7.37 -14.71
C ARG A 448 -15.09 7.97 -14.44
N CYS A 449 -14.01 7.21 -14.66
CA CYS A 449 -12.64 7.67 -14.38
C CYS A 449 -11.93 8.25 -15.59
N HIS A 450 -10.94 9.11 -15.34
CA HIS A 450 -10.05 9.63 -16.38
C HIS A 450 -8.96 8.55 -16.49
N ARG A 451 -8.77 8.00 -17.67
CA ARG A 451 -7.80 6.94 -17.86
C ARG A 451 -6.39 7.50 -17.96
N ILE A 452 -5.57 7.22 -16.95
CA ILE A 452 -4.17 7.68 -16.92
C ILE A 452 -3.31 6.65 -17.65
N PRO A 453 -2.46 7.06 -18.61
CA PRO A 453 -1.64 6.04 -19.29
C PRO A 453 -0.55 5.50 -18.37
N ALA A 454 -0.27 4.21 -18.53
CA ALA A 454 0.81 3.55 -17.81
C ALA A 454 2.10 3.91 -18.55
N ARG A 455 3.23 3.78 -17.86
CA ARG A 455 4.55 3.97 -18.46
C ARG A 455 5.58 3.20 -17.65
N LEU A 456 6.75 3.04 -18.24
CA LEU A 456 7.87 2.43 -17.51
C LEU A 456 8.55 3.48 -16.63
N ALA A 457 8.89 3.09 -15.39
CA ALA A 457 9.74 3.93 -14.55
C ALA A 457 11.12 3.86 -15.20
N THR A 458 11.92 4.91 -15.08
CA THR A 458 13.29 4.87 -15.61
C THR A 458 14.21 4.36 -14.48
N GLU A 459 15.46 3.97 -14.81
CA GLU A 459 16.41 3.50 -13.80
C GLU A 459 16.78 4.65 -12.86
N GLU A 460 16.78 5.88 -13.39
CA GLU A 460 17.10 7.07 -12.61
C GLU A 460 16.00 7.28 -11.54
N GLU A 461 14.75 7.02 -11.91
CA GLU A 461 13.61 7.13 -10.96
C GLU A 461 13.68 5.99 -9.95
N LEU A 462 14.03 4.77 -10.39
CA LEU A 462 14.18 3.66 -9.43
C LEU A 462 15.23 3.98 -8.38
N ALA A 463 16.30 4.73 -8.77
CA ALA A 463 17.40 5.12 -7.90
C ALA A 463 17.01 6.13 -6.81
N LEU A 464 15.74 6.64 -6.85
CA LEU A 464 15.25 7.51 -5.78
C LEU A 464 15.16 6.73 -4.47
N CYS A 465 14.93 5.39 -4.55
CA CYS A 465 14.84 4.53 -3.36
C CYS A 465 15.79 3.35 -3.35
N HIS A 466 16.19 2.85 -4.55
CA HIS A 466 16.96 1.61 -4.64
C HIS A 466 18.40 1.79 -5.06
N SER A 467 19.25 0.84 -4.63
CA SER A 467 20.66 0.83 -5.02
C SER A 467 20.76 0.37 -6.48
N SER A 468 21.77 0.90 -7.22
CA SER A 468 21.96 0.48 -8.62
C SER A 468 22.32 -1.02 -8.69
N LYS A 469 22.94 -1.58 -7.63
CA LYS A 469 23.23 -3.01 -7.61
C LYS A 469 21.90 -3.78 -7.68
N HIS A 470 20.95 -3.43 -6.81
CA HIS A 470 19.67 -4.14 -6.78
C HIS A 470 18.94 -3.97 -8.11
N ILE A 471 18.88 -2.73 -8.63
CA ILE A 471 18.25 -2.46 -9.94
C ILE A 471 18.90 -3.33 -11.03
N SER A 472 20.25 -3.37 -11.06
CA SER A 472 21.01 -4.14 -12.07
C SER A 472 20.71 -5.62 -12.04
N ILE A 473 20.61 -6.21 -10.84
CA ILE A 473 20.32 -7.64 -10.67
C ILE A 473 18.88 -7.97 -11.17
N ILE A 474 17.87 -7.18 -10.75
CA ILE A 474 16.49 -7.42 -11.23
C ILE A 474 16.45 -7.22 -12.76
N LYS A 475 17.08 -6.14 -13.26
CA LYS A 475 17.13 -5.88 -14.70
C LYS A 475 17.73 -7.08 -15.48
N SER A 476 18.79 -7.72 -14.94
CA SER A 476 19.46 -8.87 -15.57
C SER A 476 18.57 -10.10 -15.73
N SER A 477 17.50 -10.24 -14.90
CA SER A 477 16.60 -11.39 -14.97
C SER A 477 15.81 -11.43 -16.27
N GLU A 478 15.66 -10.27 -16.96
CA GLU A 478 14.94 -10.17 -18.24
C GLU A 478 15.52 -11.13 -19.29
N HIS A 479 16.84 -11.40 -19.22
CA HIS A 479 17.55 -12.25 -20.17
C HIS A 479 17.93 -13.64 -19.64
N MET A 480 17.37 -14.05 -18.49
CA MET A 480 17.74 -15.34 -17.91
C MET A 480 16.95 -16.55 -18.37
N LYS A 481 17.64 -17.70 -18.48
CA LYS A 481 17.00 -18.99 -18.74
C LYS A 481 16.21 -19.41 -17.48
N PRO A 482 15.19 -20.30 -17.57
CA PRO A 482 14.42 -20.68 -16.36
C PRO A 482 15.24 -21.14 -15.16
N ARG A 483 16.31 -21.95 -15.38
CA ARG A 483 17.16 -22.43 -14.28
C ARG A 483 17.84 -21.28 -13.52
N ASP A 484 18.25 -20.20 -14.22
CA ASP A 484 18.83 -19.02 -13.57
C ASP A 484 17.76 -18.16 -12.88
N LEU A 485 16.55 -18.11 -13.45
CA LEU A 485 15.42 -17.37 -12.82
C LEU A 485 15.05 -18.04 -11.50
N ASN A 486 15.05 -19.39 -11.46
CA ASN A 486 14.74 -20.15 -10.26
C ASN A 486 15.81 -19.89 -9.19
N ARG A 487 17.11 -20.00 -9.57
CA ARG A 487 18.24 -19.76 -8.67
C ARG A 487 18.19 -18.33 -8.08
N LEU A 488 18.04 -17.31 -8.96
CA LEU A 488 17.95 -15.92 -8.53
C LEU A 488 16.78 -15.69 -7.55
N GLY A 489 15.59 -16.17 -7.91
CA GLY A 489 14.40 -16.05 -7.05
C GLY A 489 14.64 -16.64 -5.67
N ASP A 490 15.36 -17.77 -5.62
CA ASP A 490 15.70 -18.46 -4.37
C ASP A 490 16.69 -17.68 -3.47
N GLU A 491 17.33 -16.62 -3.98
CA GLU A 491 18.25 -15.80 -3.19
C GLU A 491 17.47 -14.85 -2.26
N TYR A 492 16.16 -14.68 -2.52
CA TYR A 492 15.32 -13.78 -1.75
C TYR A 492 14.30 -14.53 -0.93
N ASN A 493 13.66 -13.79 0.00
CA ASN A 493 12.61 -14.37 0.81
C ASN A 493 11.33 -14.19 -0.03
N SER A 494 10.70 -15.32 -0.44
CA SER A 494 9.40 -15.33 -1.11
C SER A 494 9.30 -14.50 -2.40
N ILE A 495 10.13 -14.84 -3.39
CA ILE A 495 10.12 -14.17 -4.69
C ILE A 495 10.14 -15.25 -5.77
N PHE A 496 9.37 -15.04 -6.85
CA PHE A 496 9.42 -15.85 -8.07
C PHE A 496 9.67 -14.82 -9.18
N ILE A 497 10.44 -15.20 -10.20
CA ILE A 497 10.80 -14.28 -11.27
C ILE A 497 10.59 -14.96 -12.62
N SER A 498 10.13 -14.18 -13.60
CA SER A 498 10.01 -14.60 -14.98
C SER A 498 10.76 -13.55 -15.81
N ASN A 499 10.92 -13.77 -17.11
CA ASN A 499 11.65 -12.78 -17.94
C ASN A 499 10.94 -11.41 -18.01
N GLU A 500 9.62 -11.39 -17.72
CA GLU A 500 8.79 -10.17 -17.80
C GLU A 500 8.68 -9.43 -16.46
N SER A 501 9.19 -10.05 -15.35
CA SER A 501 9.09 -9.44 -14.02
C SER A 501 9.62 -8.03 -13.94
N TYR A 502 10.87 -7.79 -14.44
CA TYR A 502 11.47 -6.47 -14.39
C TYR A 502 10.59 -5.42 -15.08
N THR A 503 10.11 -5.72 -16.32
CA THR A 503 9.22 -4.83 -17.09
C THR A 503 7.95 -4.52 -16.30
N CYS A 504 7.33 -5.54 -15.71
CA CYS A 504 6.10 -5.33 -14.95
C CYS A 504 6.34 -4.47 -13.72
N ALA A 505 7.45 -4.68 -13.00
CA ALA A 505 7.76 -3.87 -11.83
C ALA A 505 7.96 -2.43 -12.26
N LEU A 506 8.62 -2.20 -13.43
CA LEU A 506 8.81 -0.86 -13.98
C LEU A 506 7.46 -0.20 -14.33
N LEU A 507 6.55 -0.99 -14.92
CA LEU A 507 5.21 -0.51 -15.28
C LEU A 507 4.40 -0.17 -14.03
N ALA A 508 4.51 -0.98 -12.94
CA ALA A 508 3.75 -0.67 -11.74
C ALA A 508 4.20 0.69 -11.19
N ALA A 509 5.53 0.91 -11.14
CA ALA A 509 6.07 2.15 -10.58
C ALA A 509 5.76 3.33 -11.53
N GLY A 510 6.06 3.18 -12.82
CA GLY A 510 5.77 4.23 -13.82
C GLY A 510 4.32 4.65 -13.83
N SER A 511 3.38 3.67 -13.72
CA SER A 511 1.92 3.93 -13.65
C SER A 511 1.60 4.82 -12.47
N CYS A 512 2.20 4.52 -11.32
CA CYS A 512 1.99 5.29 -10.11
C CYS A 512 2.59 6.68 -10.19
N PHE A 513 3.77 6.82 -10.81
CA PHE A 513 4.37 8.15 -11.01
C PHE A 513 3.42 9.00 -11.88
N ASN A 514 2.85 8.42 -12.97
CA ASN A 514 1.96 9.21 -13.83
C ASN A 514 0.70 9.60 -13.09
N SER A 515 0.25 8.74 -12.16
CA SER A 515 -0.95 9.03 -11.38
C SER A 515 -0.65 10.15 -10.35
N ALA A 516 0.52 10.07 -9.65
CA ALA A 516 0.91 11.12 -8.70
C ALA A 516 1.07 12.43 -9.47
N GLN A 517 1.66 12.37 -10.67
CA GLN A 517 1.83 13.58 -11.48
C GLN A 517 0.48 14.20 -11.87
N ALA A 518 -0.49 13.36 -12.29
CA ALA A 518 -1.83 13.81 -12.64
C ALA A 518 -2.51 14.51 -11.46
N ILE A 519 -2.35 13.97 -10.25
CA ILE A 519 -2.96 14.58 -9.07
C ILE A 519 -2.26 15.91 -8.73
N LEU A 520 -0.93 15.88 -8.70
CA LEU A 520 -0.13 17.05 -8.29
C LEU A 520 -0.22 18.21 -9.26
N THR A 521 -0.47 17.93 -10.56
CA THR A 521 -0.62 18.98 -11.56
C THR A 521 -2.07 19.40 -11.73
N GLY A 522 -2.98 18.80 -10.95
CA GLY A 522 -4.40 19.13 -10.97
C GLY A 522 -5.21 18.59 -12.15
N GLN A 523 -4.67 17.59 -12.86
CA GLN A 523 -5.40 16.94 -13.96
C GLN A 523 -6.54 16.08 -13.36
N VAL A 524 -6.30 15.52 -12.18
CA VAL A 524 -7.30 14.73 -11.44
C VAL A 524 -7.23 15.13 -9.96
N ARG A 525 -8.28 14.81 -9.18
CA ARG A 525 -8.27 15.10 -7.75
C ARG A 525 -7.58 13.94 -7.02
N ASN A 526 -7.90 12.70 -7.44
CA ASN A 526 -7.43 11.48 -6.77
C ASN A 526 -7.34 10.39 -7.84
N ALA A 527 -6.81 9.21 -7.48
CA ALA A 527 -6.58 8.17 -8.47
C ALA A 527 -6.43 6.81 -7.83
N VAL A 528 -6.60 5.77 -8.63
N VAL A 528 -6.59 5.77 -8.64
CA VAL A 528 -6.45 4.38 -8.23
CA VAL A 528 -6.43 4.36 -8.27
C VAL A 528 -5.51 3.70 -9.24
C VAL A 528 -5.41 3.80 -9.24
N ALA A 529 -4.56 2.91 -8.75
CA ALA A 529 -3.56 2.22 -9.57
C ALA A 529 -3.70 0.73 -9.36
N ILE A 530 -4.20 0.06 -10.40
CA ILE A 530 -4.41 -1.40 -10.37
C ILE A 530 -3.14 -1.97 -10.97
N VAL A 531 -2.15 -2.19 -10.09
CA VAL A 531 -0.80 -2.58 -10.47
C VAL A 531 -0.32 -3.86 -9.75
N ARG A 532 0.65 -4.55 -10.40
CA ARG A 532 1.36 -5.69 -9.87
C ARG A 532 2.68 -5.79 -10.64
N PRO A 533 3.73 -6.43 -10.06
CA PRO A 533 3.80 -7.02 -8.71
C PRO A 533 3.73 -5.91 -7.65
N PRO A 534 3.43 -6.28 -6.40
CA PRO A 534 3.36 -5.27 -5.31
C PRO A 534 4.76 -4.73 -4.95
N GLY A 535 4.80 -3.77 -4.02
CA GLY A 535 6.10 -3.16 -3.70
C GLY A 535 6.52 -2.99 -2.25
N HIS A 536 5.60 -2.96 -1.28
CA HIS A 536 5.95 -2.47 0.07
C HIS A 536 6.98 -3.32 0.87
N HIS A 537 7.24 -4.58 0.50
CA HIS A 537 8.25 -5.35 1.23
C HIS A 537 9.65 -5.14 0.57
N ALA A 538 9.71 -4.49 -0.62
CA ALA A 538 11.00 -4.30 -1.28
C ALA A 538 11.81 -3.28 -0.48
N GLU A 539 13.11 -3.58 -0.31
CA GLU A 539 14.02 -2.72 0.45
C GLU A 539 14.88 -1.94 -0.54
N LYS A 540 15.67 -0.99 -0.05
CA LYS A 540 16.56 -0.24 -0.93
C LYS A 540 17.47 -1.20 -1.77
N ASP A 541 17.92 -2.27 -1.15
CA ASP A 541 18.88 -3.17 -1.75
C ASP A 541 18.41 -4.58 -2.03
N THR A 542 17.10 -4.88 -1.87
CA THR A 542 16.66 -6.26 -2.10
C THR A 542 15.17 -6.42 -2.39
N ALA A 543 14.82 -7.52 -3.08
CA ALA A 543 13.42 -7.87 -3.39
C ALA A 543 12.97 -8.73 -2.23
N CYS A 544 11.67 -8.77 -1.96
CA CYS A 544 11.14 -9.55 -0.84
C CYS A 544 9.63 -9.65 -0.94
N GLY A 545 9.09 -10.81 -0.52
CA GLY A 545 7.66 -10.96 -0.38
C GLY A 545 6.83 -10.55 -1.59
N PHE A 546 7.21 -11.05 -2.79
CA PHE A 546 6.51 -10.84 -4.06
C PHE A 546 6.80 -9.46 -4.66
N CYS A 547 7.63 -8.64 -3.95
CA CYS A 547 7.96 -7.26 -4.30
C CYS A 547 9.35 -7.09 -4.87
N PHE A 548 9.52 -6.31 -5.97
CA PHE A 548 10.87 -6.08 -6.53
C PHE A 548 11.33 -4.68 -6.21
N PHE A 549 10.48 -3.67 -6.47
CA PHE A 549 10.81 -2.28 -6.18
C PHE A 549 9.69 -1.71 -5.35
N ASN A 550 10.01 -0.75 -4.49
CA ASN A 550 9.01 -0.23 -3.60
C ASN A 550 8.17 0.86 -4.27
N THR A 551 7.13 0.44 -5.01
CA THR A 551 6.26 1.35 -5.76
C THR A 551 5.77 2.55 -4.95
N ALA A 552 5.19 2.31 -3.74
CA ALA A 552 4.68 3.43 -2.92
C ALA A 552 5.78 4.37 -2.47
N ALA A 553 6.93 3.81 -2.00
CA ALA A 553 8.06 4.62 -1.54
C ALA A 553 8.61 5.45 -2.70
N LEU A 554 8.77 4.81 -3.88
CA LEU A 554 9.26 5.49 -5.09
C LEU A 554 8.30 6.61 -5.49
N THR A 555 6.97 6.35 -5.37
CA THR A 555 5.97 7.36 -5.74
C THR A 555 6.09 8.58 -4.81
N ALA A 556 6.33 8.35 -3.51
CA ALA A 556 6.50 9.48 -2.58
C ALA A 556 7.73 10.31 -2.97
N ARG A 557 8.86 9.65 -3.29
CA ARG A 557 10.07 10.35 -3.71
C ARG A 557 9.88 11.05 -5.06
N TYR A 558 9.22 10.36 -5.99
CA TYR A 558 8.93 10.91 -7.30
C TYR A 558 8.10 12.23 -7.13
N ALA A 559 7.03 12.17 -6.33
CA ALA A 559 6.18 13.31 -6.02
C ALA A 559 7.05 14.50 -5.53
N GLN A 560 7.98 14.22 -4.59
CA GLN A 560 8.86 15.29 -4.09
C GLN A 560 9.80 15.80 -5.19
N SER A 561 10.27 14.88 -6.08
CA SER A 561 11.20 15.26 -7.15
C SER A 561 10.53 16.22 -8.14
N ILE A 562 9.19 16.15 -8.29
CA ILE A 562 8.49 17.01 -9.24
C ILE A 562 7.79 18.20 -8.56
N THR A 563 8.01 18.36 -7.26
CA THR A 563 7.43 19.47 -6.51
C THR A 563 8.53 20.16 -5.70
N ARG A 564 8.76 19.69 -4.47
CA ARG A 564 9.85 20.21 -3.64
C ARG A 564 10.20 19.11 -2.69
N GLU A 565 11.47 19.10 -2.24
CA GLU A 565 11.93 18.06 -1.31
C GLU A 565 11.08 17.93 -0.06
N SER A 566 10.55 19.04 0.44
CA SER A 566 9.78 19.07 1.68
C SER A 566 8.29 18.77 1.52
N LEU A 567 7.83 18.38 0.29
CA LEU A 567 6.43 17.98 0.10
C LEU A 567 6.09 16.93 1.14
N ARG A 568 4.98 17.13 1.87
CA ARG A 568 4.58 16.19 2.93
C ARG A 568 3.74 15.08 2.35
N VAL A 569 4.24 13.85 2.44
CA VAL A 569 3.53 12.70 1.93
C VAL A 569 3.16 11.80 3.08
N LEU A 570 1.89 11.45 3.16
CA LEU A 570 1.45 10.42 4.10
C LEU A 570 1.27 9.13 3.32
N ILE A 571 1.92 8.04 3.82
CA ILE A 571 1.70 6.71 3.24
C ILE A 571 0.91 5.93 4.27
N VAL A 572 -0.34 5.55 3.95
CA VAL A 572 -1.14 4.72 4.85
C VAL A 572 -1.06 3.31 4.22
N ASP A 573 -0.53 2.36 4.98
CA ASP A 573 -0.37 0.99 4.48
C ASP A 573 -1.35 0.08 5.16
N TRP A 574 -2.48 -0.25 4.45
CA TRP A 574 -3.52 -1.10 5.06
C TRP A 574 -3.51 -2.56 4.56
N ASP A 575 -2.46 -2.92 3.82
CA ASP A 575 -2.21 -4.32 3.48
C ASP A 575 -2.06 -5.02 4.86
N VAL A 576 -2.51 -6.27 4.98
CA VAL A 576 -2.44 -6.97 6.28
C VAL A 576 -0.99 -7.18 6.76
N HIS A 577 -0.03 -7.08 5.84
CA HIS A 577 1.38 -7.26 6.17
C HIS A 577 2.10 -5.94 6.41
N HIS A 578 3.16 -5.96 7.24
CA HIS A 578 3.94 -4.75 7.46
C HIS A 578 4.78 -4.43 6.21
N GLY A 579 4.76 -3.17 5.78
CA GLY A 579 5.59 -2.70 4.68
C GLY A 579 6.98 -2.39 5.20
N ASN A 580 7.77 -3.46 5.47
CA ASN A 580 9.13 -3.30 6.03
C ASN A 580 10.00 -2.36 5.17
N GLY A 581 9.91 -2.49 3.85
CA GLY A 581 10.68 -1.65 2.92
C GLY A 581 10.32 -0.18 3.05
N THR A 582 9.01 0.09 3.12
CA THR A 582 8.52 1.47 3.24
C THR A 582 8.98 2.08 4.57
N GLN A 583 8.82 1.34 5.67
CA GLN A 583 9.28 1.86 6.96
C GLN A 583 10.77 2.21 6.90
N HIS A 584 11.58 1.30 6.38
CA HIS A 584 13.03 1.49 6.38
C HIS A 584 13.48 2.63 5.49
N ILE A 585 12.87 2.75 4.31
CA ILE A 585 13.24 3.83 3.40
C ILE A 585 13.01 5.21 4.04
N PHE A 586 11.91 5.37 4.78
CA PHE A 586 11.61 6.70 5.36
C PHE A 586 11.86 6.81 6.87
N GLU A 587 12.53 5.80 7.46
CA GLU A 587 12.70 5.74 8.91
C GLU A 587 13.31 7.00 9.55
N GLU A 588 14.25 7.65 8.83
CA GLU A 588 14.93 8.86 9.34
C GLU A 588 14.36 10.12 8.68
N ASP A 589 13.16 10.02 8.10
CA ASP A 589 12.57 11.11 7.34
C ASP A 589 11.29 11.69 7.99
N ASP A 590 11.27 13.01 8.16
CA ASP A 590 10.10 13.71 8.71
C ASP A 590 9.19 14.27 7.60
N SER A 591 9.58 14.09 6.32
CA SER A 591 8.76 14.59 5.18
C SER A 591 7.77 13.53 4.70
N VAL A 592 8.00 12.25 5.10
CA VAL A 592 7.12 11.16 4.72
C VAL A 592 6.70 10.40 5.96
N LEU A 593 5.42 10.55 6.32
CA LEU A 593 4.85 9.90 7.47
C LEU A 593 4.35 8.53 7.00
N TYR A 594 4.84 7.48 7.65
CA TYR A 594 4.46 6.12 7.31
C TYR A 594 3.58 5.58 8.43
N ILE A 595 2.36 5.17 8.08
CA ILE A 595 1.42 4.56 9.03
C ILE A 595 1.00 3.20 8.48
N SER A 596 1.30 2.14 9.23
CA SER A 596 0.89 0.82 8.79
C SER A 596 0.04 0.16 9.84
N LEU A 597 -0.96 -0.56 9.38
CA LEU A 597 -1.77 -1.44 10.21
C LEU A 597 -1.46 -2.84 9.71
N HIS A 598 -1.22 -3.79 10.61
CA HIS A 598 -0.82 -5.09 10.08
C HIS A 598 -0.91 -6.17 11.12
N ARG A 599 -1.20 -7.40 10.67
CA ARG A 599 -1.19 -8.55 11.58
C ARG A 599 0.28 -8.80 11.97
N TYR A 600 0.53 -8.94 13.28
CA TYR A 600 1.88 -9.03 13.81
C TYR A 600 2.11 -10.37 14.54
N GLU A 601 1.18 -10.75 15.44
CA GLU A 601 1.25 -11.98 16.22
C GLU A 601 2.60 -12.16 16.90
N ASP A 602 3.00 -11.12 17.66
CA ASP A 602 4.25 -11.08 18.40
C ASP A 602 5.45 -11.43 17.49
N GLY A 603 5.38 -10.98 16.23
CA GLY A 603 6.45 -11.22 15.28
C GLY A 603 6.37 -12.53 14.53
N ALA A 604 5.31 -13.33 14.72
CA ALA A 604 5.19 -14.63 14.03
C ALA A 604 4.48 -14.56 12.67
N PHE A 605 4.04 -13.38 12.22
CA PHE A 605 3.33 -13.25 10.95
C PHE A 605 4.27 -12.57 9.97
N PHE A 606 4.24 -12.96 8.67
CA PHE A 606 5.14 -12.38 7.65
C PHE A 606 5.08 -10.83 7.69
N PRO A 607 6.19 -10.08 7.62
CA PRO A 607 7.60 -10.46 7.35
C PRO A 607 8.44 -10.88 8.57
N ASN A 608 7.77 -11.26 9.67
CA ASN A 608 8.40 -11.92 10.82
C ASN A 608 9.49 -11.14 11.54
N SER A 609 9.31 -9.84 11.69
CA SER A 609 10.34 -9.02 12.32
C SER A 609 9.73 -8.13 13.37
N GLU A 610 10.47 -7.91 14.47
CA GLU A 610 10.04 -6.96 15.50
C GLU A 610 10.05 -5.50 15.00
N ASP A 611 10.59 -5.25 13.79
CA ASP A 611 10.57 -3.91 13.17
C ASP A 611 9.12 -3.41 13.01
N ALA A 612 8.15 -4.34 12.93
CA ALA A 612 6.72 -4.03 12.76
C ALA A 612 6.04 -3.66 14.07
N ASN A 613 6.77 -3.72 15.22
CA ASN A 613 6.10 -3.45 16.49
C ASN A 613 5.79 -1.97 16.69
N TYR A 614 4.87 -1.65 17.63
CA TYR A 614 4.40 -0.27 17.85
C TYR A 614 5.49 0.66 18.37
N ASP A 615 6.56 0.09 18.96
CA ASP A 615 7.61 0.91 19.58
C ASP A 615 8.63 1.37 18.55
N LYS A 616 8.46 1.00 17.27
CA LYS A 616 9.38 1.49 16.23
C LYS A 616 8.70 2.77 15.70
N VAL A 617 9.14 3.90 16.25
CA VAL A 617 8.51 5.21 16.01
C VAL A 617 9.26 6.09 15.02
N GLY A 618 10.40 5.60 14.53
CA GLY A 618 11.23 6.41 13.65
C GLY A 618 12.55 6.75 14.31
N LEU A 619 13.48 7.25 13.52
CA LEU A 619 14.84 7.54 13.96
C LEU A 619 15.24 8.96 13.65
N GLY A 620 16.07 9.57 14.50
CA GLY A 620 16.57 10.93 14.29
C GLY A 620 15.46 11.93 14.07
N LYS A 621 15.58 12.77 13.03
CA LYS A 621 14.55 13.74 12.69
C LYS A 621 13.22 13.05 12.31
N GLY A 622 13.29 11.76 12.01
CA GLY A 622 12.11 10.96 11.69
C GLY A 622 11.41 10.40 12.91
N ARG A 623 11.90 10.72 14.15
CA ARG A 623 11.24 10.19 15.34
C ARG A 623 9.81 10.74 15.45
N GLY A 624 8.85 9.82 15.54
CA GLY A 624 7.42 10.12 15.55
C GLY A 624 6.77 9.98 14.17
N TYR A 625 7.58 9.85 13.11
CA TYR A 625 7.03 9.80 11.73
C TYR A 625 6.90 8.40 11.17
N ASN A 626 6.88 7.40 12.06
CA ASN A 626 6.69 6.00 11.71
C ASN A 626 5.69 5.49 12.71
N VAL A 627 4.51 5.07 12.24
CA VAL A 627 3.44 4.63 13.14
C VAL A 627 3.06 3.22 12.78
N ASN A 628 3.40 2.23 13.65
CA ASN A 628 3.03 0.82 13.45
C ASN A 628 1.87 0.50 14.37
N ILE A 629 0.80 -0.05 13.80
CA ILE A 629 -0.40 -0.49 14.53
C ILE A 629 -0.46 -2.02 14.36
N PRO A 630 0.21 -2.76 15.27
CA PRO A 630 0.32 -4.23 15.12
C PRO A 630 -0.84 -4.95 15.75
N TRP A 631 -1.43 -5.93 15.06
CA TRP A 631 -2.52 -6.71 15.62
C TRP A 631 -2.02 -8.04 16.15
N ASN A 632 -2.51 -8.44 17.32
CA ASN A 632 -2.19 -9.72 17.93
C ASN A 632 -3.52 -10.34 18.31
N GLY A 633 -3.63 -11.65 18.27
CA GLY A 633 -4.86 -12.29 18.74
C GLY A 633 -5.90 -12.63 17.70
N GLY A 634 -5.45 -13.12 16.55
CA GLY A 634 -6.38 -13.60 15.55
C GLY A 634 -7.15 -12.55 14.77
N LYS A 635 -8.26 -12.97 14.18
CA LYS A 635 -9.05 -12.16 13.25
C LYS A 635 -9.50 -10.80 13.77
N MET A 636 -9.28 -9.78 12.95
CA MET A 636 -9.68 -8.39 13.20
C MET A 636 -10.57 -8.03 12.01
N GLY A 637 -11.41 -7.03 12.20
CA GLY A 637 -12.29 -6.59 11.13
C GLY A 637 -12.59 -5.11 11.17
N ASP A 638 -13.73 -4.73 10.58
CA ASP A 638 -14.14 -3.32 10.49
C ASP A 638 -14.10 -2.56 11.82
N PRO A 639 -14.61 -3.11 12.95
CA PRO A 639 -14.62 -2.33 14.19
C PRO A 639 -13.21 -1.92 14.60
N GLU A 640 -12.26 -2.86 14.49
CA GLU A 640 -10.85 -2.64 14.90
C GLU A 640 -10.19 -1.64 13.97
N TYR A 641 -10.40 -1.79 12.67
CA TYR A 641 -9.84 -0.82 11.71
C TYR A 641 -10.44 0.57 11.85
N MET A 642 -11.75 0.66 12.08
CA MET A 642 -12.37 1.98 12.27
C MET A 642 -11.84 2.66 13.55
N ALA A 643 -11.69 1.88 14.63
CA ALA A 643 -11.17 2.41 15.88
C ALA A 643 -9.71 2.89 15.70
N ALA A 644 -8.89 2.11 14.98
CA ALA A 644 -7.50 2.51 14.71
C ALA A 644 -7.48 3.82 13.90
N PHE A 645 -8.38 3.98 12.92
CA PHE A 645 -8.43 5.24 12.17
C PHE A 645 -8.91 6.40 13.04
N HIS A 646 -9.93 6.17 13.86
CA HIS A 646 -10.49 7.20 14.72
C HIS A 646 -9.51 7.74 15.76
N HIS A 647 -8.81 6.83 16.45
CA HIS A 647 -7.93 7.18 17.55
C HIS A 647 -6.50 7.50 17.15
N LEU A 648 -6.03 6.93 16.05
CA LEU A 648 -4.63 7.03 15.63
C LEU A 648 -4.39 7.63 14.26
N VAL A 649 -4.76 6.88 13.20
CA VAL A 649 -4.48 7.32 11.83
C VAL A 649 -4.93 8.75 11.53
N MET A 650 -6.21 9.06 11.78
CA MET A 650 -6.73 10.38 11.41
C MET A 650 -6.21 11.52 12.30
N PRO A 651 -6.14 11.40 13.65
CA PRO A 651 -5.58 12.53 14.45
C PRO A 651 -4.12 12.81 14.06
N ILE A 652 -3.29 11.76 13.87
CA ILE A 652 -1.88 11.93 13.49
C ILE A 652 -1.79 12.55 12.10
N ALA A 653 -2.58 12.00 11.16
CA ALA A 653 -2.56 12.54 9.80
C ALA A 653 -2.94 14.01 9.79
N ARG A 654 -3.99 14.39 10.54
CA ARG A 654 -4.42 15.78 10.56
C ARG A 654 -3.32 16.72 11.12
N GLU A 655 -2.60 16.24 12.12
CA GLU A 655 -1.53 16.99 12.75
C GLU A 655 -0.36 17.12 11.78
N PHE A 656 -0.07 16.03 11.03
CA PHE A 656 0.98 16.04 10.00
C PHE A 656 0.64 16.97 8.82
N ALA A 657 -0.66 17.09 8.45
CA ALA A 657 -1.16 17.95 7.36
C ALA A 657 -0.50 17.53 6.03
N PRO A 658 -0.68 16.27 5.57
CA PRO A 658 -0.04 15.88 4.31
C PRO A 658 -0.54 16.71 3.14
N GLU A 659 0.31 16.84 2.13
CA GLU A 659 -0.05 17.47 0.87
C GLU A 659 -0.43 16.41 -0.19
N LEU A 660 -0.13 15.13 0.06
CA LEU A 660 -0.44 14.04 -0.84
C LEU A 660 -0.61 12.79 0.03
N VAL A 661 -1.61 11.95 -0.24
CA VAL A 661 -1.81 10.72 0.54
C VAL A 661 -1.66 9.56 -0.44
N LEU A 662 -0.75 8.63 -0.12
CA LEU A 662 -0.58 7.40 -0.88
C LEU A 662 -1.10 6.30 -0.01
N VAL A 663 -1.88 5.41 -0.60
CA VAL A 663 -2.36 4.28 0.17
C VAL A 663 -1.68 3.04 -0.41
N SER A 664 -0.96 2.27 0.45
CA SER A 664 -0.40 0.97 0.08
C SER A 664 -1.58 0.06 0.39
N ALA A 665 -2.47 -0.02 -0.61
CA ALA A 665 -3.76 -0.66 -0.52
C ALA A 665 -3.70 -2.12 -0.89
N GLY A 666 -3.18 -2.90 0.03
CA GLY A 666 -3.32 -4.35 -0.08
C GLY A 666 -4.74 -4.70 0.34
N PHE A 667 -5.32 -5.75 -0.25
CA PHE A 667 -6.67 -6.11 0.17
C PHE A 667 -6.65 -7.52 0.78
N ASP A 668 -5.53 -7.87 1.42
CA ASP A 668 -5.37 -9.17 2.08
C ASP A 668 -5.85 -9.17 3.53
N ALA A 669 -6.37 -8.02 4.04
CA ALA A 669 -7.04 -8.02 5.34
C ALA A 669 -8.54 -8.27 5.08
N ALA A 670 -8.91 -8.48 3.79
CA ALA A 670 -10.31 -8.72 3.42
C ALA A 670 -10.83 -10.07 3.87
N ARG A 671 -12.15 -10.10 4.12
CA ARG A 671 -12.90 -11.29 4.37
C ARG A 671 -12.68 -12.21 3.14
N GLY A 672 -12.32 -13.47 3.40
CA GLY A 672 -12.05 -14.49 2.38
C GLY A 672 -10.59 -14.62 1.97
N ASP A 673 -9.70 -13.78 2.52
CA ASP A 673 -8.29 -13.88 2.10
C ASP A 673 -7.56 -14.93 2.93
N PRO A 674 -7.01 -16.00 2.32
CA PRO A 674 -6.31 -17.02 3.14
C PRO A 674 -4.93 -16.59 3.64
N LEU A 675 -4.34 -15.53 3.06
CA LEU A 675 -3.03 -15.04 3.50
C LEU A 675 -3.11 -14.01 4.62
N GLY A 676 -4.31 -13.56 4.96
CA GLY A 676 -4.48 -12.56 6.01
C GLY A 676 -5.24 -13.05 7.23
N GLY A 677 -6.32 -13.78 7.00
CA GLY A 677 -7.15 -14.32 8.06
C GLY A 677 -8.01 -13.28 8.79
N PHE A 678 -8.19 -12.11 8.16
CA PHE A 678 -8.99 -11.01 8.72
C PHE A 678 -10.34 -10.90 8.01
N GLN A 679 -11.19 -9.96 8.49
CA GLN A 679 -12.57 -9.83 8.03
C GLN A 679 -12.95 -8.43 7.61
N VAL A 680 -12.00 -7.62 7.12
CA VAL A 680 -12.38 -6.27 6.69
C VAL A 680 -13.30 -6.40 5.48
N THR A 681 -14.44 -5.69 5.49
CA THR A 681 -15.45 -5.76 4.42
C THR A 681 -15.21 -4.71 3.34
N PRO A 682 -15.80 -4.86 2.14
CA PRO A 682 -15.65 -3.80 1.12
C PRO A 682 -16.15 -2.45 1.65
N GLU A 683 -17.21 -2.46 2.47
CA GLU A 683 -17.77 -1.26 3.10
C GLU A 683 -16.74 -0.68 4.08
N GLY A 684 -16.01 -1.55 4.80
CA GLY A 684 -14.92 -1.12 5.68
C GLY A 684 -13.86 -0.35 4.91
N TYR A 685 -13.37 -0.93 3.79
CA TYR A 685 -12.38 -0.27 2.92
C TYR A 685 -12.93 1.06 2.37
N ALA A 686 -14.22 1.06 1.97
CA ALA A 686 -14.89 2.30 1.49
C ALA A 686 -14.83 3.38 2.59
N HIS A 687 -15.12 3.00 3.87
CA HIS A 687 -15.09 3.96 5.00
C HIS A 687 -13.69 4.52 5.18
N LEU A 688 -12.67 3.65 5.14
CA LEU A 688 -11.28 4.09 5.30
C LEU A 688 -10.90 5.03 4.17
N THR A 689 -11.29 4.70 2.92
CA THR A 689 -10.95 5.58 1.79
C THR A 689 -11.58 6.95 1.99
N HIS A 690 -12.88 6.99 2.35
CA HIS A 690 -13.60 8.25 2.52
C HIS A 690 -12.98 9.10 3.66
N GLN A 691 -12.48 8.45 4.74
CA GLN A 691 -11.80 9.19 5.81
C GLN A 691 -10.52 9.84 5.27
N LEU A 692 -9.74 9.09 4.50
CA LEU A 692 -8.50 9.65 3.94
C LEU A 692 -8.73 10.78 2.94
N MET A 693 -9.90 10.76 2.25
CA MET A 693 -10.28 11.83 1.32
C MET A 693 -10.42 13.22 1.98
N SER A 694 -10.55 13.25 3.34
CA SER A 694 -10.65 14.51 4.08
C SER A 694 -9.27 15.16 4.27
N LEU A 695 -8.20 14.45 3.86
CA LEU A 695 -6.84 14.95 3.99
C LEU A 695 -6.30 15.45 2.67
N ALA A 696 -5.23 16.28 2.73
CA ALA A 696 -4.48 16.76 1.57
C ALA A 696 -5.35 17.33 0.42
N ALA A 697 -6.44 18.01 0.76
CA ALA A 697 -7.38 18.57 -0.25
C ALA A 697 -7.92 17.45 -1.16
N GLY A 698 -8.00 16.23 -0.64
CA GLY A 698 -8.52 15.09 -1.38
C GLY A 698 -7.52 14.38 -2.28
N ARG A 699 -6.24 14.82 -2.23
CA ARG A 699 -5.16 14.28 -3.05
C ARG A 699 -4.72 12.92 -2.55
N VAL A 700 -5.46 11.91 -3.02
CA VAL A 700 -5.30 10.52 -2.58
C VAL A 700 -5.03 9.60 -3.77
N LEU A 701 -3.98 8.78 -3.70
CA LEU A 701 -3.68 7.79 -4.74
C LEU A 701 -3.69 6.42 -4.05
N ILE A 702 -4.55 5.52 -4.52
CA ILE A 702 -4.70 4.19 -3.93
C ILE A 702 -3.87 3.25 -4.79
N ILE A 703 -2.86 2.61 -4.16
CA ILE A 703 -1.92 1.72 -4.84
C ILE A 703 -2.15 0.29 -4.47
N LEU A 704 -2.52 -0.59 -5.43
CA LEU A 704 -2.70 -1.98 -5.08
C LEU A 704 -1.39 -2.61 -4.53
N GLU A 705 -1.46 -3.29 -3.36
CA GLU A 705 -0.31 -4.07 -2.85
C GLU A 705 -0.71 -5.56 -2.95
N GLY A 706 -0.95 -6.23 -1.83
CA GLY A 706 -1.39 -7.62 -1.84
C GLY A 706 -2.90 -7.77 -1.87
N GLY A 707 -3.39 -8.95 -1.51
CA GLY A 707 -4.81 -9.27 -1.60
C GLY A 707 -4.92 -10.37 -2.64
N TYR A 708 -5.36 -11.55 -2.22
CA TYR A 708 -5.28 -12.78 -3.03
C TYR A 708 -6.58 -13.47 -3.31
N ASN A 709 -7.67 -13.07 -2.64
CA ASN A 709 -8.94 -13.67 -3.00
C ASN A 709 -9.46 -12.81 -4.16
N LEU A 710 -9.51 -13.37 -5.39
CA LEU A 710 -9.90 -12.58 -6.57
C LEU A 710 -11.21 -11.83 -6.41
N THR A 711 -12.23 -12.49 -5.89
CA THR A 711 -13.54 -11.86 -5.68
C THR A 711 -13.46 -10.75 -4.59
N SER A 712 -12.85 -11.05 -3.43
CA SER A 712 -12.72 -10.07 -2.35
C SER A 712 -11.99 -8.81 -2.81
N ILE A 713 -10.83 -8.96 -3.48
CA ILE A 713 -10.06 -7.79 -3.90
C ILE A 713 -10.79 -6.96 -4.96
N SER A 714 -11.53 -7.63 -5.86
CA SER A 714 -12.22 -6.93 -6.94
C SER A 714 -13.33 -6.11 -6.31
N GLU A 715 -14.05 -6.69 -5.35
N GLU A 715 -14.06 -6.70 -5.35
CA GLU A 715 -15.11 -5.95 -4.68
CA GLU A 715 -15.15 -6.02 -4.65
C GLU A 715 -14.57 -4.84 -3.79
C GLU A 715 -14.61 -4.88 -3.76
N SER A 716 -13.53 -5.14 -2.99
CA SER A 716 -12.94 -4.14 -2.07
C SER A 716 -12.34 -2.95 -2.78
N MET A 717 -11.51 -3.20 -3.81
CA MET A 717 -10.90 -2.09 -4.52
C MET A 717 -11.92 -1.25 -5.29
N SER A 718 -12.96 -1.91 -5.89
CA SER A 718 -14.03 -1.19 -6.60
C SER A 718 -14.75 -0.23 -5.64
N MET A 719 -14.96 -0.67 -4.40
CA MET A 719 -15.60 0.18 -3.40
C MET A 719 -14.74 1.41 -3.05
N CYS A 720 -13.40 1.27 -3.07
CA CYS A 720 -12.51 2.40 -2.82
C CYS A 720 -12.63 3.37 -3.97
N THR A 721 -12.62 2.87 -5.21
CA THR A 721 -12.79 3.76 -6.39
C THR A 721 -14.12 4.50 -6.32
N SER A 722 -15.19 3.79 -5.94
CA SER A 722 -16.52 4.39 -5.78
C SER A 722 -16.45 5.58 -4.81
N MET A 723 -15.69 5.44 -3.70
CA MET A 723 -15.53 6.56 -2.77
C MET A 723 -14.78 7.69 -3.40
N LEU A 724 -13.65 7.40 -4.09
CA LEU A 724 -12.86 8.45 -4.73
C LEU A 724 -13.70 9.26 -5.74
N LEU A 725 -14.63 8.57 -6.42
CA LEU A 725 -15.51 9.18 -7.41
C LEU A 725 -16.59 10.10 -6.79
N GLY A 726 -16.75 10.05 -5.47
CA GLY A 726 -17.69 10.91 -4.75
C GLY A 726 -18.99 10.25 -4.35
N ASP A 727 -19.08 8.93 -4.51
CA ASP A 727 -20.30 8.21 -4.10
C ASP A 727 -20.50 8.26 -2.59
N SER A 728 -21.77 8.17 -2.12
CA SER A 728 -22.10 8.21 -0.71
C SER A 728 -21.38 7.12 0.09
N PRO A 729 -20.68 7.53 1.17
CA PRO A 729 -19.96 6.55 2.00
C PRO A 729 -20.92 5.60 2.74
N PRO A 730 -20.44 4.42 3.14
CA PRO A 730 -21.31 3.51 3.90
C PRO A 730 -21.59 4.06 5.29
N SER A 731 -22.74 3.70 5.85
CA SER A 731 -23.08 4.15 7.18
C SER A 731 -22.47 3.14 8.12
N LEU A 732 -21.30 3.49 8.68
CA LEU A 732 -20.57 2.64 9.65
C LEU A 732 -20.35 3.46 10.90
N ASP A 733 -20.45 2.85 12.08
CA ASP A 733 -20.30 3.57 13.34
C ASP A 733 -19.20 2.96 14.22
N HIS A 734 -18.98 3.55 15.39
CA HIS A 734 -17.97 3.08 16.37
C HIS A 734 -18.63 2.36 17.58
N LEU A 735 -19.87 1.84 17.43
CA LEU A 735 -20.62 1.20 18.52
C LEU A 735 -20.22 -0.23 18.88
N THR A 736 -19.49 -0.91 17.99
CA THR A 736 -19.17 -2.30 18.29
C THR A 736 -17.97 -2.44 19.22
N PRO A 737 -18.07 -3.17 20.36
CA PRO A 737 -16.89 -3.37 21.21
C PRO A 737 -15.78 -4.09 20.45
N LEU A 738 -14.53 -3.65 20.65
CA LEU A 738 -13.39 -4.27 19.98
C LEU A 738 -12.95 -5.50 20.73
N LYS A 739 -12.21 -6.39 20.04
CA LYS A 739 -11.55 -7.51 20.71
C LYS A 739 -10.55 -6.83 21.68
N THR A 740 -10.44 -7.34 22.91
CA THR A 740 -9.53 -6.79 23.94
C THR A 740 -8.12 -6.61 23.41
N SER A 741 -7.61 -7.60 22.64
N SER A 741 -7.61 -7.60 22.64
CA SER A 741 -6.26 -7.50 22.09
CA SER A 741 -6.25 -7.49 22.09
C SER A 741 -6.07 -6.32 21.13
C SER A 741 -6.10 -6.26 21.19
N ALA A 742 -7.15 -5.91 20.43
CA ALA A 742 -7.09 -4.73 19.53
C ALA A 742 -7.06 -3.45 20.39
N THR A 743 -7.79 -3.45 21.51
CA THR A 743 -7.75 -2.32 22.46
C THR A 743 -6.31 -2.17 22.98
N VAL A 744 -5.69 -3.31 23.37
CA VAL A 744 -4.31 -3.32 23.87
C VAL A 744 -3.42 -2.76 22.79
N SER A 745 -3.58 -3.19 21.54
CA SER A 745 -2.73 -2.69 20.45
C SER A 745 -2.86 -1.17 20.27
N ILE A 746 -4.10 -0.67 20.20
CA ILE A 746 -4.33 0.75 19.99
C ILE A 746 -3.76 1.54 21.18
N ASN A 747 -3.98 1.05 22.40
CA ASN A 747 -3.43 1.75 23.58
C ASN A 747 -1.90 1.78 23.56
N ASN A 748 -1.28 0.69 23.08
CA ASN A 748 0.19 0.64 22.96
C ASN A 748 0.67 1.72 21.97
N VAL A 749 0.00 1.87 20.80
CA VAL A 749 0.43 2.90 19.84
C VAL A 749 0.21 4.30 20.44
N LEU A 750 -0.95 4.53 21.09
CA LEU A 750 -1.24 5.82 21.71
C LEU A 750 -0.14 6.24 22.70
N ARG A 751 0.31 5.29 23.54
CA ARG A 751 1.37 5.48 24.52
C ARG A 751 2.70 5.79 23.86
N ALA A 752 3.07 5.00 22.84
CA ALA A 752 4.34 5.20 22.15
C ALA A 752 4.37 6.52 21.36
N HIS A 753 3.20 7.00 20.90
CA HIS A 753 3.16 8.22 20.05
C HIS A 753 2.67 9.50 20.79
N ALA A 754 2.23 9.38 22.04
CA ALA A 754 1.83 10.53 22.87
C ALA A 754 2.92 11.61 22.92
N PRO A 755 4.24 11.28 22.95
CA PRO A 755 5.24 12.37 23.01
C PRO A 755 5.27 13.24 21.75
N PHE A 756 5.00 12.60 20.60
CA PHE A 756 5.14 13.23 19.29
C PHE A 756 3.89 13.93 18.76
N TRP A 757 2.70 13.48 19.17
CA TRP A 757 1.47 13.98 18.57
C TRP A 757 0.55 14.47 19.65
N SER A 758 0.55 15.79 19.87
CA SER A 758 -0.21 16.43 20.94
C SER A 758 -1.72 16.17 20.92
N SER A 759 -2.30 15.94 19.74
CA SER A 759 -3.75 15.72 19.59
C SER A 759 -4.25 14.36 20.10
N LEU A 760 -3.35 13.38 20.32
CA LEU A 760 -3.72 12.03 20.77
C LEU A 760 -4.28 11.99 22.18
N ARG A 761 -5.27 11.10 22.41
CA ARG A 761 -5.85 10.86 23.74
C ARG A 761 -4.99 9.79 24.42
N VAL A 762 -4.98 9.75 25.75
CA VAL A 762 -4.15 8.83 26.54
C VAL A 762 -4.51 7.36 26.29
N ASN A 763 -5.81 7.01 26.38
CA ASN A 763 -6.31 5.65 26.11
C ASN A 763 -7.72 5.67 25.50
#